data_6RS6
#
_entry.id   6RS6
#
_cell.length_a   35.190
_cell.length_b   72.480
_cell.length_c   78.560
_cell.angle_alpha   90.00
_cell.angle_beta   90.00
_cell.angle_gamma   90.00
#
_symmetry.space_group_name_H-M   'P 21 21 21'
#
loop_
_entity.id
_entity.type
_entity.pdbx_description
1 polymer AA9
2 branched beta-D-mannopyranose-(1-4)-2-acetamido-2-deoxy-beta-D-glucopyranose-(1-4)-2-acetamido-2-deoxy-beta-D-glucopyranose
3 non-polymer alpha-D-mannopyranose
4 non-polymer 'CHLORIDE ION'
5 non-polymer DI(HYDROXYETHYL)ETHER
6 non-polymer GLYCINE
7 non-polymer SERINE
8 water water
#
_entity_poly.entity_id   1
_entity_poly.type   'polypeptide(L)'
_entity_poly.pdbx_seq_one_letter_code
;RTVFSSLTVNGVDLGQGVAVRVPSSNAPVTDIESDDIICNTGFIQPVSKTVAAVPAGGTVIAHFHHTSAGYVGPDPSDPL
DPTNKGPVLAYLAKVPDATQSDVTGLKWFKIWQDGYTPATRQWGSDKLFINGGNATFTIPSCLQAGQYLLRVESISLLNA
EQYPGAQFFLSCGQINITGGNKVQPVGVDFPGAYTSTDPGIVTDIYEVGTYTPPGPAVFSC
;
_entity_poly.pdbx_strand_id   A
#
loop_
_chem_comp.id
_chem_comp.type
_chem_comp.name
_chem_comp.formula
BMA D-saccharide, beta linking beta-D-mannopyranose 'C6 H12 O6'
CL non-polymer 'CHLORIDE ION' 'Cl -1'
MAN D-saccharide, alpha linking alpha-D-mannopyranose 'C6 H12 O6'
NAG D-saccharide, beta linking 2-acetamido-2-deoxy-beta-D-glucopyranose 'C8 H15 N O6'
PEG non-polymer DI(HYDROXYETHYL)ETHER 'C4 H10 O3'
#
# COMPACT_ATOMS: atom_id res chain seq x y z
N ARG A 1 -5.31 -12.99 -2.10
CA ARG A 1 -6.16 -11.80 -2.23
C ARG A 1 -6.22 -11.12 -0.88
N THR A 2 -6.21 -9.77 -0.92
CA THR A 2 -6.25 -8.99 0.29
C THR A 2 -6.67 -7.56 -0.07
N VAL A 3 -7.16 -6.83 0.96
CA VAL A 3 -7.66 -5.48 0.83
C VAL A 3 -7.24 -4.66 2.04
N PHE A 4 -6.63 -3.50 1.75
CA PHE A 4 -6.37 -2.48 2.72
C PHE A 4 -7.66 -1.69 2.92
N SER A 5 -8.23 -1.72 4.13
CA SER A 5 -9.57 -1.11 4.32
C SER A 5 -9.75 -0.29 5.60
N SER A 6 -8.72 -0.14 6.42
CA SER A 6 -8.83 0.71 7.61
C SER A 6 -7.45 1.14 8.08
N LEU A 7 -7.45 2.14 8.97
CA LEU A 7 -6.26 2.77 9.47
C LEU A 7 -6.30 2.90 11.00
N THR A 8 -5.10 2.83 11.59
CA THR A 8 -4.84 3.26 12.94
C THR A 8 -3.78 4.36 12.89
N VAL A 9 -4.00 5.40 13.67
CA VAL A 9 -3.09 6.52 13.72
C VAL A 9 -2.67 6.76 15.19
N ASN A 10 -1.38 6.55 15.46
CA ASN A 10 -0.76 6.64 16.78
C ASN A 10 -1.64 5.92 17.81
N GLY A 11 -2.03 4.69 17.49
CA GLY A 11 -2.76 3.84 18.44
C GLY A 11 -4.26 4.07 18.45
N VAL A 12 -4.79 5.00 17.64
CA VAL A 12 -6.24 5.23 17.59
C VAL A 12 -6.82 4.58 16.32
N ASP A 13 -7.73 3.61 16.48
CA ASP A 13 -8.33 2.95 15.33
C ASP A 13 -9.41 3.87 14.77
N LEU A 14 -9.36 4.19 13.47
CA LEU A 14 -10.33 5.18 12.91
C LEU A 14 -11.68 4.55 12.54
N GLY A 15 -11.70 3.24 12.30
CA GLY A 15 -12.95 2.59 11.98
C GLY A 15 -12.93 1.99 10.58
N GLN A 16 -13.75 0.94 10.40
CA GLN A 16 -13.76 0.25 9.14
C GLN A 16 -14.16 1.19 8.00
N GLY A 17 -13.33 1.23 6.95
CA GLY A 17 -13.55 2.03 5.77
C GLY A 17 -13.28 3.51 5.96
N VAL A 18 -12.92 3.94 7.16
CA VAL A 18 -12.79 5.38 7.38
C VAL A 18 -11.45 5.88 6.83
N ALA A 19 -11.53 6.94 6.03
CA ALA A 19 -10.38 7.61 5.41
C ALA A 19 -9.64 6.67 4.46
N VAL A 20 -10.33 5.64 3.93
CA VAL A 20 -9.73 4.76 2.94
C VAL A 20 -10.72 4.60 1.79
N ARG A 21 -10.23 4.63 0.55
CA ARG A 21 -11.10 4.34 -0.60
C ARG A 21 -11.03 2.84 -0.84
N VAL A 22 -12.06 2.13 -0.37
CA VAL A 22 -11.97 0.68 -0.30
C VAL A 22 -12.55 0.09 -1.57
N PRO A 23 -11.79 -0.78 -2.26
CA PRO A 23 -12.31 -1.42 -3.47
C PRO A 23 -13.43 -2.38 -3.07
N SER A 24 -14.39 -2.58 -3.98
CA SER A 24 -15.57 -3.37 -3.72
C SER A 24 -15.26 -4.85 -3.47
N SER A 25 -14.16 -5.36 -4.01
CA SER A 25 -13.76 -6.75 -3.80
C SER A 25 -12.24 -6.81 -3.65
N ASN A 26 -11.75 -8.01 -3.34
CA ASN A 26 -10.35 -8.30 -3.19
C ASN A 26 -9.72 -8.74 -4.52
N ALA A 27 -10.40 -8.50 -5.66
CA ALA A 27 -9.83 -8.80 -6.98
C ALA A 27 -8.54 -8.01 -7.17
N PRO A 28 -7.47 -8.63 -7.68
CA PRO A 28 -6.22 -7.89 -7.90
C PRO A 28 -6.31 -6.92 -9.09
N VAL A 29 -5.48 -5.88 -9.00
CA VAL A 29 -5.09 -5.13 -10.18
C VAL A 29 -3.96 -5.92 -10.83
N THR A 30 -4.00 -6.07 -12.15
CA THR A 30 -2.94 -6.81 -12.82
C THR A 30 -2.23 -6.02 -13.93
N ASP A 31 -2.76 -4.86 -14.31
CA ASP A 31 -2.22 -4.04 -15.40
C ASP A 31 -1.54 -2.80 -14.83
N ILE A 32 -0.21 -2.83 -14.83
CA ILE A 32 0.58 -1.76 -14.25
C ILE A 32 0.51 -0.48 -15.09
N GLU A 33 -0.09 -0.54 -16.27
CA GLU A 33 -0.22 0.67 -17.10
C GLU A 33 -1.63 1.26 -16.96
N SER A 34 -2.50 0.58 -16.22
CA SER A 34 -3.85 1.07 -15.94
C SER A 34 -3.80 2.12 -14.82
N ASP A 35 -4.68 3.12 -14.90
CA ASP A 35 -4.89 4.03 -13.79
C ASP A 35 -5.29 3.26 -12.54
N ASP A 36 -5.75 2.01 -12.68
CA ASP A 36 -6.15 1.23 -11.53
C ASP A 36 -4.96 0.94 -10.61
N ILE A 37 -3.74 1.04 -11.18
CA ILE A 37 -2.53 0.82 -10.37
C ILE A 37 -2.31 1.94 -9.34
N ILE A 38 -2.99 3.09 -9.50
CA ILE A 38 -2.75 4.19 -8.60
C ILE A 38 -3.40 3.90 -7.25
N CYS A 39 -4.74 3.74 -7.25
CA CYS A 39 -5.49 3.55 -6.00
C CYS A 39 -6.56 2.45 -6.13
N ASN A 40 -6.42 1.52 -7.10
CA ASN A 40 -7.43 0.46 -7.32
C ASN A 40 -8.66 1.09 -7.97
N THR A 41 -9.79 0.38 -7.93
CA THR A 41 -10.97 0.77 -8.68
C THR A 41 -12.24 0.26 -8.00
N GLY A 42 -13.37 0.88 -8.35
CA GLY A 42 -14.68 0.37 -7.95
C GLY A 42 -14.90 0.47 -6.45
N PHE A 43 -14.78 1.69 -5.94
CA PHE A 43 -14.78 1.90 -4.52
C PHE A 43 -16.19 1.70 -3.97
N ILE A 44 -16.23 1.21 -2.73
CA ILE A 44 -17.45 1.15 -1.95
C ILE A 44 -17.94 2.59 -1.76
N GLN A 45 -19.21 2.81 -2.08
CA GLN A 45 -19.87 4.11 -2.03
C GLN A 45 -20.83 4.19 -0.84
N PRO A 46 -20.95 5.40 -0.26
CA PRO A 46 -20.15 6.57 -0.64
C PRO A 46 -18.75 6.52 -0.02
N VAL A 47 -17.78 7.02 -0.76
CA VAL A 47 -16.39 6.98 -0.28
C VAL A 47 -16.25 7.91 0.93
N SER A 48 -15.51 7.45 1.94
CA SER A 48 -15.25 8.23 3.16
C SER A 48 -14.76 9.64 2.80
N LYS A 49 -15.30 10.67 3.49
CA LYS A 49 -14.81 12.01 3.37
C LYS A 49 -14.00 12.40 4.60
N THR A 50 -13.51 11.39 5.32
CA THR A 50 -12.63 11.62 6.45
C THR A 50 -11.21 11.67 5.92
N VAL A 51 -10.47 12.66 6.39
CA VAL A 51 -9.08 12.81 6.10
C VAL A 51 -8.36 12.76 7.44
N ALA A 52 -7.67 11.66 7.69
CA ALA A 52 -7.06 11.41 8.99
C ALA A 52 -5.92 12.39 9.25
N ALA A 53 -5.99 13.13 10.37
CA ALA A 53 -4.89 13.97 10.81
C ALA A 53 -3.80 13.07 11.39
N VAL A 54 -2.57 13.24 10.87
N VAL A 54 -2.57 13.24 10.89
CA VAL A 54 -1.45 12.42 11.26
CA VAL A 54 -1.44 12.41 11.26
C VAL A 54 -0.24 13.33 11.45
C VAL A 54 -0.21 13.30 11.44
N PRO A 55 0.38 13.38 12.64
CA PRO A 55 1.58 14.20 12.79
C PRO A 55 2.71 13.61 11.93
N ALA A 56 3.49 14.48 11.26
CA ALA A 56 4.73 13.99 10.65
C ALA A 56 5.55 13.33 11.79
N GLY A 57 6.05 12.12 11.55
CA GLY A 57 6.75 11.35 12.56
C GLY A 57 5.85 10.34 13.25
N GLY A 58 4.54 10.44 12.99
CA GLY A 58 3.54 9.57 13.61
C GLY A 58 3.57 8.16 13.04
N THR A 59 3.00 7.22 13.81
CA THR A 59 2.95 5.85 13.42
C THR A 59 1.55 5.52 12.89
N VAL A 60 1.52 4.90 11.71
CA VAL A 60 0.27 4.54 11.05
C VAL A 60 0.27 3.01 10.85
N ILE A 61 -0.90 2.41 11.05
CA ILE A 61 -1.12 1.05 10.64
C ILE A 61 -2.15 1.06 9.52
N ALA A 62 -1.76 0.48 8.37
CA ALA A 62 -2.65 0.20 7.29
C ALA A 62 -3.09 -1.24 7.48
N HIS A 63 -4.39 -1.43 7.63
CA HIS A 63 -4.95 -2.76 7.95
C HIS A 63 -5.42 -3.46 6.69
N PHE A 64 -4.79 -4.63 6.43
CA PHE A 64 -5.20 -5.56 5.40
C PHE A 64 -6.03 -6.69 6.02
N HIS A 65 -7.06 -7.10 5.27
CA HIS A 65 -7.85 -8.27 5.56
C HIS A 65 -8.14 -8.94 4.23
N HIS A 66 -8.61 -10.18 4.32
CA HIS A 66 -8.84 -10.99 3.15
C HIS A 66 -9.84 -10.33 2.19
N THR A 67 -10.92 -9.76 2.76
CA THR A 67 -11.99 -9.20 1.97
C THR A 67 -12.16 -7.72 2.28
N SER A 68 -12.96 -7.05 1.45
N SER A 68 -12.97 -7.04 1.45
CA SER A 68 -13.24 -5.63 1.57
CA SER A 68 -13.21 -5.63 1.59
C SER A 68 -14.00 -5.31 2.87
C SER A 68 -14.04 -5.31 2.85
N ALA A 69 -14.57 -6.34 3.51
CA ALA A 69 -15.36 -6.16 4.73
C ALA A 69 -14.49 -5.86 5.97
N GLY A 70 -13.18 -6.08 5.88
CA GLY A 70 -12.34 -6.06 7.08
C GLY A 70 -12.47 -7.36 7.88
N TYR A 71 -12.30 -7.27 9.20
CA TYR A 71 -12.27 -8.44 10.01
C TYR A 71 -13.68 -9.02 10.19
N VAL A 72 -13.84 -10.28 9.79
CA VAL A 72 -15.10 -10.99 9.93
C VAL A 72 -14.87 -12.37 10.58
N GLY A 73 -13.91 -12.45 11.50
CA GLY A 73 -13.64 -13.65 12.24
C GLY A 73 -12.61 -14.55 11.57
N PRO A 74 -12.32 -15.73 12.18
CA PRO A 74 -11.32 -16.66 11.66
C PRO A 74 -11.46 -16.97 10.17
N ASP A 75 -10.30 -16.95 9.50
CA ASP A 75 -10.21 -17.15 8.07
C ASP A 75 -8.76 -17.46 7.79
N PRO A 76 -8.46 -18.65 7.22
CA PRO A 76 -7.07 -19.05 7.04
C PRO A 76 -6.32 -18.19 6.02
N SER A 77 -7.06 -17.42 5.20
CA SER A 77 -6.48 -16.49 4.22
C SER A 77 -6.66 -15.03 4.62
N ASP A 78 -6.88 -14.77 5.92
CA ASP A 78 -6.92 -13.41 6.51
C ASP A 78 -5.62 -13.19 7.29
N PRO A 79 -4.85 -12.16 6.98
CA PRO A 79 -5.17 -11.09 6.09
C PRO A 79 -4.96 -11.38 4.59
N LEU A 80 -4.14 -12.39 4.29
CA LEU A 80 -3.91 -12.84 2.93
C LEU A 80 -3.65 -14.35 2.96
N ASP A 81 -3.66 -14.96 1.78
CA ASP A 81 -3.29 -16.35 1.65
C ASP A 81 -1.77 -16.38 1.76
N PRO A 82 -1.21 -17.02 2.80
CA PRO A 82 0.22 -16.97 3.08
C PRO A 82 1.10 -17.60 1.97
N THR A 83 0.48 -18.38 1.08
CA THR A 83 1.21 -18.94 -0.09
C THR A 83 1.57 -17.83 -1.09
N ASN A 84 0.85 -16.72 -1.00
CA ASN A 84 1.04 -15.62 -1.93
C ASN A 84 2.24 -14.77 -1.51
N LYS A 85 3.45 -15.25 -1.78
CA LYS A 85 4.67 -14.53 -1.37
C LYS A 85 4.85 -13.24 -2.16
N GLY A 86 5.31 -12.20 -1.46
CA GLY A 86 5.69 -10.99 -2.09
C GLY A 86 5.89 -9.86 -1.11
N PRO A 87 6.23 -8.66 -1.63
CA PRO A 87 6.46 -7.50 -0.80
C PRO A 87 5.18 -6.76 -0.36
N VAL A 88 5.40 -5.87 0.60
CA VAL A 88 4.43 -4.88 1.05
C VAL A 88 5.13 -3.51 0.94
N LEU A 89 4.41 -2.51 0.43
CA LEU A 89 5.01 -1.18 0.16
C LEU A 89 4.03 -0.08 0.53
N ALA A 90 4.57 1.06 0.95
CA ALA A 90 3.76 2.24 1.27
C ALA A 90 4.37 3.47 0.59
N TYR A 91 3.51 4.26 -0.05
CA TYR A 91 3.85 5.47 -0.71
C TYR A 91 2.93 6.60 -0.26
N LEU A 92 3.47 7.83 -0.33
CA LEU A 92 2.67 9.05 -0.18
C LEU A 92 2.72 9.86 -1.48
N ALA A 93 1.65 10.60 -1.72
CA ALA A 93 1.63 11.66 -2.73
C ALA A 93 0.92 12.89 -2.17
N LYS A 94 1.56 14.05 -2.33
CA LYS A 94 0.95 15.32 -2.03
C LYS A 94 -0.20 15.54 -3.00
N VAL A 95 -1.36 15.95 -2.46
CA VAL A 95 -2.58 16.15 -3.21
C VAL A 95 -3.21 17.45 -2.71
N PRO A 96 -3.88 18.23 -3.59
CA PRO A 96 -4.59 19.43 -3.13
C PRO A 96 -5.68 19.15 -2.08
N ASP A 97 -6.41 18.05 -2.28
CA ASP A 97 -7.52 17.68 -1.42
C ASP A 97 -7.54 16.15 -1.38
N ALA A 98 -7.36 15.57 -0.19
CA ALA A 98 -7.30 14.13 -0.07
C ALA A 98 -8.64 13.44 -0.33
N THR A 99 -9.73 14.20 -0.53
CA THR A 99 -11.02 13.63 -0.94
C THR A 99 -11.26 13.78 -2.46
N GLN A 100 -10.33 14.37 -3.21
CA GLN A 100 -10.55 14.63 -4.64
C GLN A 100 -10.59 13.32 -5.42
N SER A 101 -11.43 13.26 -6.45
CA SER A 101 -11.65 11.98 -7.11
C SER A 101 -10.49 11.65 -8.08
N ASP A 102 -9.89 12.67 -8.68
CA ASP A 102 -8.86 12.44 -9.70
C ASP A 102 -7.50 12.21 -9.03
N VAL A 103 -6.95 11.00 -9.19
CA VAL A 103 -5.70 10.66 -8.53
C VAL A 103 -4.59 10.51 -9.57
N THR A 104 -4.86 10.94 -10.80
CA THR A 104 -3.83 10.89 -11.84
C THR A 104 -2.88 12.08 -11.70
N GLY A 105 -1.68 11.89 -12.23
CA GLY A 105 -0.66 12.91 -12.34
C GLY A 105 -0.01 13.27 -11.02
N LEU A 106 -0.15 12.41 -10.01
CA LEU A 106 0.46 12.70 -8.72
C LEU A 106 1.89 12.14 -8.69
N LYS A 107 2.68 12.64 -7.75
CA LYS A 107 4.08 12.24 -7.59
C LYS A 107 4.21 11.48 -6.27
N TRP A 108 4.49 10.18 -6.42
CA TRP A 108 4.49 9.22 -5.33
C TRP A 108 5.91 8.94 -4.82
N PHE A 109 6.10 9.08 -3.52
CA PHE A 109 7.41 8.71 -2.94
C PHE A 109 7.15 7.59 -1.96
N LYS A 110 8.09 6.65 -1.96
CA LYS A 110 7.99 5.47 -1.14
C LYS A 110 8.51 5.78 0.27
N ILE A 111 7.72 5.40 1.29
CA ILE A 111 8.09 5.70 2.66
C ILE A 111 8.44 4.42 3.44
N TRP A 112 8.06 3.25 2.91
CA TRP A 112 8.33 2.02 3.61
C TRP A 112 8.12 0.82 2.68
N GLN A 113 8.90 -0.24 2.89
CA GLN A 113 8.60 -1.51 2.21
C GLN A 113 9.21 -2.66 3.02
N ASP A 114 8.68 -3.84 2.77
CA ASP A 114 9.13 -5.04 3.40
C ASP A 114 9.18 -6.04 2.25
N GLY A 115 10.42 -6.40 1.83
CA GLY A 115 10.68 -7.22 0.64
C GLY A 115 10.90 -8.68 0.97
N TYR A 116 12.16 -9.11 0.89
CA TYR A 116 12.52 -10.49 1.06
C TYR A 116 13.87 -10.55 1.78
N THR A 117 13.97 -11.47 2.73
CA THR A 117 15.20 -11.70 3.46
C THR A 117 15.72 -13.09 3.11
N PRO A 118 16.74 -13.19 2.23
CA PRO A 118 17.22 -14.50 1.75
C PRO A 118 17.63 -15.49 2.85
N ALA A 119 18.26 -15.00 3.91
CA ALA A 119 18.83 -15.90 4.91
C ALA A 119 17.71 -16.58 5.71
N THR A 120 16.52 -15.97 5.73
CA THR A 120 15.38 -16.51 6.48
C THR A 120 14.27 -16.98 5.55
N ARG A 121 14.37 -16.67 4.25
CA ARG A 121 13.38 -16.99 3.20
C ARG A 121 12.02 -16.36 3.52
N GLN A 122 12.03 -15.27 4.28
CA GLN A 122 10.81 -14.60 4.72
C GLN A 122 10.52 -13.38 3.86
N TRP A 123 9.26 -13.28 3.44
CA TRP A 123 8.75 -12.17 2.64
C TRP A 123 7.99 -11.19 3.52
N GLY A 124 7.81 -9.96 3.01
CA GLY A 124 6.99 -9.01 3.69
C GLY A 124 5.56 -9.50 3.85
N SER A 125 5.09 -10.33 2.90
CA SER A 125 3.76 -10.92 3.00
C SER A 125 3.64 -11.84 4.22
N ASP A 126 4.72 -12.60 4.49
CA ASP A 126 4.76 -13.46 5.66
C ASP A 126 4.65 -12.60 6.93
N LYS A 127 5.43 -11.51 7.00
CA LYS A 127 5.38 -10.63 8.19
C LYS A 127 3.98 -10.01 8.30
N LEU A 128 3.39 -9.61 7.17
CA LEU A 128 2.06 -9.02 7.20
C LEU A 128 1.06 -10.03 7.79
N PHE A 129 1.20 -11.28 7.37
CA PHE A 129 0.35 -12.36 7.84
C PHE A 129 0.51 -12.54 9.36
N ILE A 130 1.76 -12.62 9.83
CA ILE A 130 2.09 -12.80 11.24
C ILE A 130 1.48 -11.64 12.03
N ASN A 131 1.50 -10.45 11.43
CA ASN A 131 1.06 -9.22 12.08
C ASN A 131 -0.44 -8.97 11.92
N GLY A 132 -1.22 -9.99 11.50
CA GLY A 132 -2.67 -9.90 11.42
C GLY A 132 -3.15 -8.82 10.46
N GLY A 133 -2.38 -8.59 9.39
CA GLY A 133 -2.70 -7.63 8.37
C GLY A 133 -2.20 -6.24 8.68
N ASN A 134 -1.53 -6.05 9.81
CA ASN A 134 -1.06 -4.73 10.23
C ASN A 134 0.24 -4.36 9.51
N ALA A 135 0.17 -3.44 8.55
CA ALA A 135 1.35 -2.86 7.95
C ALA A 135 1.63 -1.55 8.69
N THR A 136 2.69 -1.56 9.50
CA THR A 136 2.98 -0.49 10.43
C THR A 136 4.22 0.27 9.97
N PHE A 137 4.09 1.58 9.85
CA PHE A 137 5.21 2.40 9.40
C PHE A 137 5.04 3.81 9.94
N THR A 138 6.12 4.61 9.88
CA THR A 138 6.06 5.99 10.34
C THR A 138 6.00 6.93 9.13
N ILE A 139 5.33 8.06 9.34
CA ILE A 139 5.32 9.15 8.41
C ILE A 139 6.61 9.92 8.61
N PRO A 140 7.41 10.15 7.56
CA PRO A 140 8.65 10.94 7.70
C PRO A 140 8.36 12.28 8.40
N SER A 141 9.23 12.63 9.36
CA SER A 141 8.98 13.72 10.27
C SER A 141 9.30 15.08 9.62
N CYS A 142 10.00 15.06 8.48
CA CYS A 142 10.51 16.30 7.85
C CYS A 142 9.53 16.82 6.79
N LEU A 143 8.44 16.08 6.52
CA LEU A 143 7.57 16.42 5.41
C LEU A 143 6.79 17.73 5.62
N GLN A 144 6.59 18.41 4.49
CA GLN A 144 5.66 19.53 4.35
C GLN A 144 4.25 19.10 4.76
N ALA A 145 3.68 19.82 5.73
CA ALA A 145 2.32 19.56 6.20
C ALA A 145 1.32 19.78 5.06
N GLY A 146 0.23 19.01 5.09
CA GLY A 146 -0.86 19.20 4.14
C GLY A 146 -1.52 17.87 3.82
N GLN A 147 -2.34 17.88 2.76
CA GLN A 147 -3.12 16.73 2.36
C GLN A 147 -2.26 15.79 1.52
N TYR A 148 -2.36 14.48 1.80
CA TYR A 148 -1.65 13.47 1.07
C TYR A 148 -2.55 12.24 0.88
N LEU A 149 -2.29 11.50 -0.18
CA LEU A 149 -2.83 10.12 -0.30
C LEU A 149 -1.72 9.15 0.14
N LEU A 150 -2.16 8.06 0.79
CA LEU A 150 -1.30 7.02 1.33
C LEU A 150 -1.63 5.73 0.60
N ARG A 151 -0.77 5.36 -0.35
CA ARG A 151 -0.98 4.19 -1.18
C ARG A 151 -0.22 3.01 -0.57
N VAL A 152 -0.96 2.00 -0.10
CA VAL A 152 -0.34 0.85 0.55
C VAL A 152 -0.79 -0.39 -0.24
N GLU A 153 0.22 -1.21 -0.53
CA GLU A 153 0.17 -2.22 -1.53
C GLU A 153 0.80 -3.52 -1.05
N SER A 154 0.10 -4.62 -1.34
CA SER A 154 0.58 -5.99 -1.16
C SER A 154 0.65 -6.60 -2.56
N ILE A 155 1.81 -7.11 -2.95
CA ILE A 155 1.98 -7.73 -4.27
C ILE A 155 2.16 -9.24 -4.07
N SER A 156 1.29 -10.02 -4.73
CA SER A 156 1.51 -11.44 -4.77
C SER A 156 2.32 -11.78 -6.02
N LEU A 157 3.45 -12.45 -5.82
CA LEU A 157 4.31 -12.88 -6.90
C LEU A 157 4.11 -14.36 -7.25
N LEU A 158 3.07 -15.00 -6.71
CA LEU A 158 2.89 -16.42 -6.86
C LEU A 158 2.91 -16.79 -8.36
N ASN A 159 2.30 -15.95 -9.20
CA ASN A 159 2.16 -16.25 -10.63
C ASN A 159 2.89 -15.22 -11.49
N ALA A 160 3.97 -14.65 -10.96
CA ALA A 160 4.65 -13.53 -11.58
C ALA A 160 5.82 -13.96 -12.48
N GLU A 161 5.84 -15.24 -12.90
CA GLU A 161 6.92 -15.74 -13.77
C GLU A 161 6.89 -15.04 -15.13
N GLN A 162 5.69 -14.55 -15.53
CA GLN A 162 5.56 -13.70 -16.73
C GLN A 162 4.74 -12.48 -16.32
N TYR A 163 4.65 -11.52 -17.24
CA TYR A 163 3.78 -10.38 -17.12
C TYR A 163 2.75 -10.44 -18.25
N PRO A 164 1.44 -10.33 -17.94
CA PRO A 164 0.89 -10.11 -16.61
C PRO A 164 1.04 -11.36 -15.74
N GLY A 165 1.01 -11.17 -14.42
CA GLY A 165 1.16 -12.30 -13.50
C GLY A 165 1.13 -11.86 -12.04
N ALA A 166 1.99 -10.87 -11.73
CA ALA A 166 1.98 -10.22 -10.44
C ALA A 166 0.56 -9.71 -10.15
N GLN A 167 0.13 -9.88 -8.91
CA GLN A 167 -1.18 -9.41 -8.47
C GLN A 167 -1.00 -8.31 -7.43
N PHE A 168 -1.57 -7.14 -7.72
CA PHE A 168 -1.44 -5.95 -6.91
C PHE A 168 -2.73 -5.69 -6.13
N PHE A 169 -2.59 -5.65 -4.81
CA PHE A 169 -3.68 -5.43 -3.87
C PHE A 169 -3.35 -4.14 -3.13
N LEU A 170 -4.14 -3.08 -3.39
CA LEU A 170 -3.77 -1.79 -2.87
C LEU A 170 -5.02 -0.94 -2.69
N SER A 171 -4.88 0.01 -1.76
CA SER A 171 -5.85 1.08 -1.57
C SER A 171 -5.10 2.34 -1.22
N CYS A 172 -5.82 3.45 -1.32
CA CYS A 172 -5.31 4.75 -0.88
C CYS A 172 -6.08 5.26 0.34
N GLY A 173 -5.31 5.59 1.37
CA GLY A 173 -5.78 6.31 2.52
C GLY A 173 -5.70 7.82 2.28
N GLN A 174 -6.47 8.55 3.06
CA GLN A 174 -6.64 10.01 2.93
C GLN A 174 -6.13 10.61 4.25
N ILE A 175 -5.00 11.34 4.18
CA ILE A 175 -4.41 11.84 5.38
C ILE A 175 -4.06 13.32 5.23
N ASN A 176 -3.93 13.96 6.39
CA ASN A 176 -3.56 15.33 6.55
C ASN A 176 -2.37 15.33 7.49
N ILE A 177 -1.17 15.48 6.93
CA ILE A 177 0.04 15.51 7.71
C ILE A 177 0.16 16.88 8.41
N THR A 178 0.33 16.82 9.73
CA THR A 178 0.43 18.02 10.59
C THR A 178 1.87 18.13 11.11
N GLY A 179 2.21 19.34 11.58
CA GLY A 179 3.55 19.59 12.06
C GLY A 179 4.54 19.52 10.92
N GLY A 180 5.56 18.67 11.07
CA GLY A 180 6.49 18.42 9.98
C GLY A 180 7.46 19.58 9.76
N ASN A 181 7.97 19.66 8.54
CA ASN A 181 8.98 20.64 8.18
C ASN A 181 8.65 21.08 6.75
N LYS A 182 9.65 21.18 5.87
CA LYS A 182 9.42 21.75 4.57
C LYS A 182 9.88 20.83 3.44
N VAL A 183 10.18 19.56 3.72
CA VAL A 183 10.64 18.67 2.69
C VAL A 183 9.46 18.22 1.82
N GLN A 184 9.64 18.37 0.50
CA GLN A 184 8.70 17.93 -0.50
C GLN A 184 9.48 16.99 -1.41
N PRO A 185 9.44 15.67 -1.15
CA PRO A 185 10.25 14.72 -1.88
C PRO A 185 9.92 14.60 -3.37
N VAL A 186 10.95 14.19 -4.09
CA VAL A 186 10.83 13.79 -5.43
C VAL A 186 10.05 12.48 -5.45
N GLY A 187 9.09 12.42 -6.35
CA GLY A 187 8.23 11.24 -6.46
C GLY A 187 8.30 10.69 -7.86
N VAL A 188 7.59 9.59 -8.08
CA VAL A 188 7.51 8.90 -9.35
C VAL A 188 6.04 8.93 -9.80
N ASP A 189 5.83 8.59 -11.08
CA ASP A 189 4.48 8.54 -11.63
C ASP A 189 3.86 7.15 -11.42
N PHE A 190 2.54 7.14 -11.15
CA PHE A 190 1.73 5.94 -11.32
C PHE A 190 0.56 6.32 -12.22
N PRO A 191 0.33 5.56 -13.29
CA PRO A 191 1.22 4.54 -13.82
C PRO A 191 2.56 5.13 -14.29
N GLY A 192 3.56 4.25 -14.40
CA GLY A 192 4.86 4.58 -14.93
C GLY A 192 5.98 3.96 -14.13
N ALA A 193 5.89 4.03 -12.79
CA ALA A 193 7.00 3.60 -11.91
C ALA A 193 7.22 2.08 -12.02
N TYR A 194 6.15 1.32 -12.29
CA TYR A 194 6.24 -0.11 -12.42
C TYR A 194 6.25 -0.47 -13.91
N THR A 195 7.25 -1.27 -14.32
CA THR A 195 7.34 -1.69 -15.72
C THR A 195 7.51 -3.22 -15.81
N SER A 196 7.21 -3.74 -17.00
CA SER A 196 7.21 -5.19 -17.22
C SER A 196 8.63 -5.78 -17.23
N THR A 197 9.67 -4.94 -17.18
CA THR A 197 11.08 -5.40 -17.15
C THR A 197 11.65 -5.40 -15.72
N ASP A 198 10.85 -4.98 -14.74
CA ASP A 198 11.28 -4.85 -13.36
C ASP A 198 11.31 -6.24 -12.73
N PRO A 199 12.48 -6.75 -12.28
CA PRO A 199 12.54 -8.07 -11.63
C PRO A 199 11.79 -8.13 -10.30
N GLY A 200 11.33 -6.96 -9.80
CA GLY A 200 10.45 -6.88 -8.61
C GLY A 200 9.01 -7.29 -8.94
N ILE A 201 8.67 -7.29 -10.24
CA ILE A 201 7.32 -7.56 -10.75
C ILE A 201 7.27 -8.85 -11.57
N VAL A 202 8.33 -9.14 -12.31
CA VAL A 202 8.44 -10.40 -13.01
C VAL A 202 9.49 -11.24 -12.29
N THR A 203 9.01 -12.23 -11.54
CA THR A 203 9.77 -12.97 -10.56
C THR A 203 9.20 -14.40 -10.48
N ASP A 204 10.07 -15.39 -10.55
CA ASP A 204 9.71 -16.76 -10.20
C ASP A 204 10.06 -16.99 -8.72
N ILE A 205 9.07 -17.07 -7.82
CA ILE A 205 9.35 -17.15 -6.36
C ILE A 205 10.01 -18.49 -5.99
N TYR A 206 9.97 -19.49 -6.89
CA TYR A 206 10.59 -20.77 -6.59
C TYR A 206 12.05 -20.73 -7.03
N GLU A 207 12.46 -19.61 -7.65
CA GLU A 207 13.84 -19.45 -8.13
C GLU A 207 14.42 -18.15 -7.58
N VAL A 208 13.86 -17.65 -6.49
CA VAL A 208 14.33 -16.39 -5.92
C VAL A 208 15.58 -16.68 -5.10
N GLY A 209 16.61 -15.88 -5.31
CA GLY A 209 17.79 -15.87 -4.47
C GLY A 209 17.85 -14.57 -3.69
N THR A 210 17.94 -13.46 -4.43
CA THR A 210 17.80 -12.11 -3.89
C THR A 210 16.56 -11.49 -4.55
N TYR A 211 15.98 -10.47 -3.92
CA TYR A 211 14.82 -9.83 -4.46
C TYR A 211 14.86 -8.36 -4.08
N THR A 212 14.54 -7.50 -5.04
CA THR A 212 14.38 -6.09 -4.80
C THR A 212 12.96 -5.70 -5.17
N PRO A 213 12.18 -5.06 -4.27
CA PRO A 213 10.83 -4.63 -4.59
C PRO A 213 10.86 -3.60 -5.70
N PRO A 214 9.77 -3.51 -6.48
CA PRO A 214 9.70 -2.53 -7.58
C PRO A 214 9.55 -1.11 -7.05
N GLY A 215 9.85 -0.12 -7.89
CA GLY A 215 9.62 1.24 -7.58
C GLY A 215 10.88 1.94 -7.07
N PRO A 216 10.75 3.22 -6.67
CA PRO A 216 11.90 4.00 -6.23
C PRO A 216 12.40 3.53 -4.87
N ALA A 217 13.63 3.94 -4.54
CA ALA A 217 14.18 3.68 -3.26
C ALA A 217 13.32 4.41 -2.21
N VAL A 218 13.29 3.84 -1.00
CA VAL A 218 12.57 4.43 0.13
C VAL A 218 13.14 5.81 0.46
N PHE A 219 12.25 6.79 0.57
CA PHE A 219 12.62 8.13 0.98
C PHE A 219 12.85 8.18 2.49
N SER A 220 13.94 8.81 2.91
CA SER A 220 14.14 9.09 4.32
C SER A 220 14.64 10.53 4.46
N CYS A 221 14.29 11.16 5.58
CA CYS A 221 14.56 12.57 5.83
C CYS A 221 16.07 12.82 5.93
C1 NAG B . -3.02 -4.88 14.76
C2 NAG B . -2.67 -5.70 15.99
C3 NAG B . -3.68 -5.54 17.13
C4 NAG B . -4.14 -4.11 17.31
C5 NAG B . -4.64 -3.61 15.93
C6 NAG B . -5.39 -2.25 15.76
C7 NAG B . -1.35 -7.68 15.67
C8 NAG B . -1.33 -9.17 15.42
N2 NAG B . -2.55 -7.11 15.64
O3 NAG B . -3.10 -6.04 18.36
O4 NAG B . -5.14 -4.10 18.32
O5 NAG B . -3.45 -3.59 15.13
O6 NAG B . -4.76 -1.20 16.46
O7 NAG B . -0.35 -7.02 15.91
C1 NAG B . -4.91 -3.13 19.38
C2 NAG B . -6.15 -3.09 20.29
C3 NAG B . -5.98 -2.13 21.49
C4 NAG B . -4.61 -2.20 22.15
C5 NAG B . -3.57 -2.15 21.03
C6 NAG B . -2.14 -2.01 21.53
C7 NAG B . -8.03 -3.47 18.75
C8 NAG B . -7.78 -4.94 18.98
N2 NAG B . -7.25 -2.64 19.44
O3 NAG B . -6.96 -2.35 22.51
O4 NAG B . -4.51 -1.07 23.04
O5 NAG B . -3.74 -3.30 20.19
O6 NAG B . -1.75 -3.17 22.23
O7 NAG B . -8.89 -3.08 17.95
C1 BMA B . -4.89 -1.37 24.41
C2 BMA B . -3.95 -0.62 25.36
C3 BMA B . -4.34 -0.76 26.84
C4 BMA B . -5.85 -0.74 27.07
C5 BMA B . -6.64 -1.56 26.02
C6 BMA B . -8.15 -1.46 26.28
O2 BMA B . -3.91 0.76 24.98
O3 BMA B . -3.74 0.31 27.58
O4 BMA B . -6.13 -1.24 28.38
O5 BMA B . -6.27 -1.06 24.73
O6 BMA B . -8.92 -1.84 25.13
C1 MAN C . 4.58 5.98 16.33
C2 MAN C . 5.95 6.66 16.46
C3 MAN C . 7.09 5.66 16.53
C4 MAN C . 6.80 4.57 17.55
C5 MAN C . 5.37 4.03 17.42
C6 MAN C . 5.02 3.09 18.56
O2 MAN C . 5.95 7.45 17.66
O3 MAN C . 8.32 6.32 16.90
O4 MAN C . 7.73 3.50 17.37
O5 MAN C . 4.42 5.09 17.42
O6 MAN C . 3.67 2.65 18.39
CL CL D . -7.34 -15.79 -1.20
CL CL E . 12.83 17.61 10.35
C1 PEG F . -17.91 3.75 3.25
O1 PEG F . -16.68 3.07 3.53
C2 PEG F . -18.66 3.03 2.14
O2 PEG F . -20.04 3.42 2.11
C3 PEG F . -20.90 2.50 2.79
C4 PEG F . -21.62 1.59 1.79
O4 PEG F . -21.87 0.29 2.36
N GLY G . -8.03 -2.55 13.81
CA GLY G . -8.75 -3.82 13.60
C GLY G . -7.99 -4.73 12.66
O GLY G . -6.93 -5.24 13.02
OXT GLY G . -8.42 -4.96 11.53
N GLY H . -6.74 10.98 12.98
CA GLY H . -8.21 10.83 12.71
C GLY H . -8.89 12.18 12.47
O GLY H . -10.12 12.28 12.41
OXT GLY H . -8.22 13.19 12.33
N SER I . 13.65 -0.66 -6.35
CA SER I . 14.70 -0.25 -5.38
C SER I . 14.12 -0.29 -3.96
O SER I . 12.90 -0.40 -3.86
CB SER I . 15.22 1.13 -5.71
OG SER I . 15.60 1.21 -7.08
OXT SER I . 14.85 -0.22 -2.97
#